data_6WFS
#
_entry.id   6WFS
#
loop_
_entity.id
_entity.type
_entity.pdbx_description
1 polymer 'Capsid protein'
2 non-polymer 11-oxo-N-[2-(4-sulfamoylphenyl)ethyl]-10,11-dihydrodibenzo[b,f][1,4]thiazepine-8-carboxamide
#
_entity_poly.entity_id   1
_entity_poly.type   'polypeptide(L)'
_entity_poly.pdbx_seq_one_letter_code
;MDIDPYKEFGATVELLSFLPSDFFPSVRDLLDTAAALYRDALESPEHASPHHTALRQAILAWGDLMTLATWVGTNLEDPA
SRDLVVSYVNTNVGLKFRQLLWFHISALTFGRETVLEYLVSFGVWIRTPPAYRPPNAPILSTLPETTVVC
;
_entity_poly.pdbx_strand_id   A,B,C,D
#
# COMPACT_ATOMS: atom_id res chain seq x y z
N MET A 1 -2.26 4.63 -4.30
CA MET A 1 -0.80 4.72 -4.26
C MET A 1 -0.37 6.12 -4.63
N ASP A 2 0.93 6.33 -4.77
CA ASP A 2 1.48 7.64 -5.11
C ASP A 2 2.05 7.60 -6.52
N ILE A 3 1.22 7.95 -7.50
CA ILE A 3 1.59 7.87 -8.91
C ILE A 3 1.97 9.26 -9.38
N ASP A 4 3.14 9.39 -9.96
CA ASP A 4 3.47 10.60 -10.70
C ASP A 4 3.28 10.35 -12.18
N PRO A 5 2.68 11.27 -12.93
CA PRO A 5 2.53 11.06 -14.37
C PRO A 5 3.84 10.93 -15.09
N TYR A 6 4.93 11.46 -14.54
CA TYR A 6 6.17 11.67 -15.27
C TYR A 6 7.33 10.85 -14.71
N LYS A 7 7.12 10.18 -13.57
CA LYS A 7 8.18 9.57 -12.78
C LYS A 7 9.07 8.63 -13.59
N GLU A 8 8.52 8.02 -14.63
CA GLU A 8 9.32 7.10 -15.41
C GLU A 8 9.71 7.64 -16.78
N PHE A 9 9.43 8.90 -17.06
CA PHE A 9 9.85 9.49 -18.33
C PHE A 9 11.11 10.31 -18.17
N GLY A 10 11.56 10.52 -16.95
CA GLY A 10 12.78 11.26 -16.71
C GLY A 10 12.58 12.59 -16.00
N ALA A 11 11.42 12.82 -15.43
CA ALA A 11 11.18 14.06 -14.72
C ALA A 11 10.06 13.85 -13.73
N THR A 12 10.09 14.63 -12.65
CA THR A 12 9.08 14.55 -11.61
C THR A 12 8.13 15.72 -11.75
N VAL A 13 6.96 15.59 -11.11
CA VAL A 13 5.98 16.67 -11.19
C VAL A 13 6.49 17.91 -10.49
N GLU A 14 7.45 17.76 -9.58
CA GLU A 14 8.10 18.93 -9.01
C GLU A 14 9.07 19.58 -9.99
N LEU A 15 9.65 18.79 -10.90
CA LEU A 15 10.56 19.37 -11.88
C LEU A 15 9.82 20.25 -12.87
N LEU A 16 8.59 19.90 -13.22
CA LEU A 16 7.77 20.73 -14.07
C LEU A 16 7.19 21.93 -13.35
N SER A 17 7.42 22.06 -12.05
CA SER A 17 6.97 23.26 -11.35
C SER A 17 7.82 24.47 -11.71
N PHE A 18 9.00 24.25 -12.30
CA PHE A 18 9.79 25.35 -12.84
C PHE A 18 8.98 26.13 -13.86
N LEU A 19 8.39 25.43 -14.82
CA LEU A 19 7.58 26.07 -15.83
C LEU A 19 6.39 26.76 -15.18
N PRO A 20 6.28 28.08 -15.29
CA PRO A 20 5.10 28.76 -14.76
C PRO A 20 3.87 28.34 -15.54
N SER A 21 2.72 28.41 -14.86
CA SER A 21 1.48 27.92 -15.48
C SER A 21 1.05 28.76 -16.67
N ASP A 22 1.69 29.92 -16.87
CA ASP A 22 1.39 30.73 -18.05
C ASP A 22 2.13 30.20 -19.27
N PHE A 23 3.18 29.42 -19.05
CA PHE A 23 4.06 29.02 -20.14
C PHE A 23 3.38 28.05 -21.10
N PHE A 24 2.58 27.14 -20.59
CA PHE A 24 2.06 26.07 -21.42
C PHE A 24 1.07 26.61 -22.44
N PRO A 25 1.22 26.29 -23.72
CA PRO A 25 0.25 26.74 -24.72
C PRO A 25 -1.11 26.13 -24.47
N SER A 26 -2.12 26.73 -25.10
CA SER A 26 -3.51 26.36 -24.84
C SER A 26 -3.79 24.95 -25.32
N VAL A 27 -4.80 24.32 -24.70
CA VAL A 27 -5.10 22.92 -25.00
C VAL A 27 -5.57 22.77 -26.44
N ARG A 28 -6.27 23.78 -26.96
CA ARG A 28 -6.73 23.70 -28.35
C ARG A 28 -5.57 23.76 -29.32
N ASP A 29 -4.39 24.18 -28.85
CA ASP A 29 -3.23 24.25 -29.72
C ASP A 29 -2.44 22.95 -29.70
N LEU A 30 -2.33 22.32 -28.52
CA LEU A 30 -1.58 21.07 -28.46
C LEU A 30 -2.36 19.94 -29.11
N LEU A 31 -3.68 19.93 -28.95
CA LEU A 31 -4.48 18.91 -29.62
C LEU A 31 -4.37 19.04 -31.13
N ASP A 32 -4.19 20.26 -31.63
CA ASP A 32 -3.98 20.43 -33.06
C ASP A 32 -2.58 20.01 -33.46
N THR A 33 -1.59 20.34 -32.64
CA THR A 33 -0.21 19.99 -32.93
C THR A 33 -0.02 18.48 -32.91
N ALA A 34 -0.98 17.78 -32.32
CA ALA A 34 -0.92 16.32 -32.25
C ALA A 34 -1.95 15.68 -33.17
N ALA A 35 -2.94 16.48 -33.57
CA ALA A 35 -4.00 15.99 -34.45
C ALA A 35 -3.71 16.37 -35.91
N ALA A 36 -2.69 17.19 -36.11
CA ALA A 36 -2.31 17.62 -37.45
C ALA A 36 -0.86 17.27 -37.75
N LEU A 37 -0.29 16.38 -36.94
CA LEU A 37 1.09 15.96 -37.11
C LEU A 37 1.27 14.49 -36.75
N TYR A 38 0.50 14.03 -35.77
CA TYR A 38 0.57 12.65 -35.32
C TYR A 38 -0.79 11.96 -35.46
N ARG A 39 -1.28 11.88 -36.69
CA ARG A 39 -2.57 11.25 -36.95
C ARG A 39 -2.40 9.83 -37.46
N ASP A 40 -1.17 9.48 -37.84
CA ASP A 40 -0.87 8.15 -38.36
C ASP A 40 -0.17 7.29 -37.30
N ALA A 41 0.45 7.95 -36.32
CA ALA A 41 1.16 7.25 -35.25
C ALA A 41 0.23 6.99 -34.06
N LEU A 42 -0.62 7.97 -33.76
CA LEU A 42 -1.55 7.85 -32.64
C LEU A 42 -2.70 6.93 -32.99
N GLU A 43 -3.20 7.05 -34.22
CA GLU A 43 -4.31 6.23 -34.69
C GLU A 43 -3.85 4.86 -35.16
N SER A 44 -2.53 4.68 -35.24
CA SER A 44 -1.97 3.41 -35.68
C SER A 44 -2.24 2.31 -34.67
N PRO A 45 -2.33 1.06 -35.11
CA PRO A 45 -2.61 -0.05 -34.19
C PRO A 45 -1.40 -0.64 -33.51
N GLU A 46 -0.26 0.06 -33.46
CA GLU A 46 0.87 -0.48 -32.72
C GLU A 46 1.65 0.67 -32.09
N HIS A 47 1.89 0.55 -30.79
CA HIS A 47 2.53 1.62 -30.04
C HIS A 47 4.00 1.73 -30.44
N ALA A 48 4.46 2.97 -30.59
CA ALA A 48 5.83 3.23 -31.03
C ALA A 48 6.81 3.30 -29.87
N SER A 49 6.58 4.22 -28.95
CA SER A 49 7.44 4.43 -27.79
C SER A 49 6.54 4.67 -26.59
N PRO A 50 7.12 4.77 -25.39
CA PRO A 50 6.26 5.00 -24.22
C PRO A 50 5.56 6.35 -24.24
N HIS A 51 5.96 7.27 -25.10
CA HIS A 51 5.25 8.53 -25.18
C HIS A 51 3.92 8.38 -25.91
N HIS A 52 3.91 7.67 -27.04
CA HIS A 52 2.68 7.49 -27.79
C HIS A 52 1.61 6.80 -26.95
N THR A 53 2.02 5.86 -26.09
CA THR A 53 1.05 5.19 -25.25
C THR A 53 0.55 6.10 -24.14
N ALA A 54 1.42 6.97 -23.63
CA ALA A 54 0.99 7.90 -22.60
C ALA A 54 0.21 9.05 -23.21
N LEU A 55 0.38 9.30 -24.51
CA LEU A 55 -0.27 10.46 -25.11
C LEU A 55 -1.66 10.14 -25.64
N ARG A 56 -1.97 8.87 -25.91
CA ARG A 56 -3.35 8.50 -26.19
C ARG A 56 -4.22 8.85 -25.00
N GLN A 57 -3.84 8.34 -23.84
CA GLN A 57 -4.61 8.54 -22.62
C GLN A 57 -4.78 10.02 -22.29
N ALA A 58 -3.75 10.83 -22.54
CA ALA A 58 -3.87 12.26 -22.30
C ALA A 58 -4.94 12.88 -23.18
N ILE A 59 -5.01 12.45 -24.44
CA ILE A 59 -6.03 12.98 -25.33
C ILE A 59 -7.42 12.47 -24.94
N LEU A 60 -7.52 11.16 -24.73
CA LEU A 60 -8.84 10.58 -24.44
C LEU A 60 -9.37 11.03 -23.09
N ALA A 61 -8.51 11.06 -22.08
CA ALA A 61 -8.93 11.60 -20.79
C ALA A 61 -9.42 13.02 -20.94
N TRP A 62 -8.76 13.82 -21.76
CA TRP A 62 -9.29 15.13 -22.10
C TRP A 62 -10.51 15.00 -22.99
N GLY A 63 -10.59 13.90 -23.75
CA GLY A 63 -11.77 13.68 -24.57
C GLY A 63 -13.02 13.47 -23.75
N ASP A 64 -12.88 12.96 -22.53
CA ASP A 64 -14.06 12.73 -21.69
C ASP A 64 -14.42 13.99 -20.91
N LEU A 65 -13.43 14.78 -20.53
CA LEU A 65 -13.72 16.02 -19.81
C LEU A 65 -14.53 16.97 -20.67
N MET A 66 -14.21 17.05 -21.97
CA MET A 66 -15.02 17.87 -22.87
C MET A 66 -16.43 17.32 -22.95
N THR A 67 -16.58 16.00 -22.93
CA THR A 67 -17.92 15.42 -22.84
C THR A 67 -18.59 15.85 -21.55
N LEU A 68 -17.84 15.88 -20.46
CA LEU A 68 -18.36 16.45 -19.22
C LEU A 68 -18.74 17.91 -19.41
N ALA A 69 -17.96 18.65 -20.19
CA ALA A 69 -18.29 20.05 -20.44
C ALA A 69 -19.59 20.16 -21.22
N THR A 70 -19.68 19.49 -22.37
CA THR A 70 -20.89 19.56 -23.18
C THR A 70 -22.08 18.95 -22.44
N TRP A 71 -21.83 17.94 -21.61
CA TRP A 71 -22.91 17.38 -20.80
C TRP A 71 -23.43 18.40 -19.80
N VAL A 72 -22.52 18.98 -19.00
CA VAL A 72 -22.93 19.89 -17.94
C VAL A 72 -23.57 21.14 -18.52
N GLY A 73 -23.21 21.50 -19.75
CA GLY A 73 -23.83 22.64 -20.38
C GLY A 73 -25.28 22.46 -20.77
N THR A 74 -25.85 21.28 -20.56
CA THR A 74 -27.22 21.00 -20.95
C THR A 74 -28.02 20.21 -19.92
N ASN A 75 -27.53 20.07 -18.69
CA ASN A 75 -28.23 19.27 -17.69
C ASN A 75 -28.36 19.92 -16.33
N LEU A 76 -27.51 20.86 -15.96
CA LEU A 76 -27.64 21.48 -14.65
C LEU A 76 -28.88 22.37 -14.58
N GLU A 77 -29.11 22.91 -13.39
CA GLU A 77 -30.17 23.88 -13.14
C GLU A 77 -29.65 25.30 -13.02
N ASP A 78 -28.72 25.55 -12.09
CA ASP A 78 -28.15 26.87 -11.84
C ASP A 78 -27.13 27.19 -12.92
N PRO A 79 -27.42 28.14 -13.81
CA PRO A 79 -26.44 28.51 -14.83
C PRO A 79 -25.12 29.00 -14.25
N ALA A 80 -25.13 29.62 -13.07
CA ALA A 80 -23.89 29.97 -12.41
C ALA A 80 -23.10 28.72 -12.06
N SER A 81 -23.79 27.67 -11.60
CA SER A 81 -23.11 26.41 -11.35
C SER A 81 -22.60 25.79 -12.64
N ARG A 82 -23.36 25.95 -13.73
CA ARG A 82 -22.91 25.47 -15.03
C ARG A 82 -21.61 26.15 -15.43
N ASP A 83 -21.60 27.48 -15.42
CA ASP A 83 -20.40 28.21 -15.81
C ASP A 83 -19.30 28.06 -14.77
N LEU A 84 -19.69 27.78 -13.54
CA LEU A 84 -18.74 27.60 -12.45
C LEU A 84 -18.03 26.27 -12.59
N VAL A 85 -18.78 25.25 -12.99
CA VAL A 85 -18.21 23.91 -13.18
C VAL A 85 -17.53 23.80 -14.53
N VAL A 86 -18.10 24.48 -15.52
CA VAL A 86 -17.54 24.46 -16.88
C VAL A 86 -16.27 25.32 -16.94
N SER A 87 -16.23 26.36 -16.12
CA SER A 87 -15.07 27.24 -16.08
C SER A 87 -13.95 26.66 -15.23
N TYR A 88 -14.31 25.74 -14.34
CA TYR A 88 -13.35 25.09 -13.46
C TYR A 88 -12.61 23.97 -14.18
N VAL A 89 -13.19 23.51 -15.29
CA VAL A 89 -12.59 22.43 -16.07
C VAL A 89 -11.52 22.98 -17.02
N ASN A 90 -11.55 24.29 -17.24
CA ASN A 90 -10.60 24.94 -18.13
C ASN A 90 -9.73 25.95 -17.38
N THR A 91 -9.53 25.72 -16.10
CA THR A 91 -8.71 26.60 -15.27
C THR A 91 -7.56 25.83 -14.63
N ASN A 92 -7.87 24.98 -13.67
CA ASN A 92 -6.86 24.19 -12.99
C ASN A 92 -6.87 22.75 -13.49
N VAL A 93 -8.07 22.23 -13.77
CA VAL A 93 -8.22 20.87 -14.26
C VAL A 93 -7.68 20.75 -15.69
N GLY A 94 -7.94 21.78 -16.49
CA GLY A 94 -7.48 21.80 -17.87
C GLY A 94 -5.99 22.05 -17.95
N LEU A 95 -5.44 22.65 -16.90
CA LEU A 95 -4.02 22.96 -16.83
C LEU A 95 -3.19 21.69 -16.81
N LYS A 96 -3.59 20.70 -16.00
CA LYS A 96 -2.80 19.49 -15.87
C LYS A 96 -2.83 18.65 -17.13
N PHE A 97 -3.70 18.98 -18.07
CA PHE A 97 -3.58 18.39 -19.40
C PHE A 97 -2.90 19.36 -20.36
N ARG A 98 -2.38 20.47 -19.83
CA ARG A 98 -1.48 21.30 -20.62
C ARG A 98 -0.03 20.93 -20.34
N GLN A 99 0.29 20.61 -19.10
CA GLN A 99 1.62 20.08 -18.78
C GLN A 99 1.82 18.74 -19.45
N LEU A 100 0.85 17.83 -19.28
CA LEU A 100 1.00 16.49 -19.82
C LEU A 100 1.14 16.51 -21.33
N LEU A 101 0.19 17.14 -22.03
CA LEU A 101 0.28 17.19 -23.48
C LEU A 101 1.52 17.95 -23.94
N TRP A 102 1.97 18.94 -23.17
CA TRP A 102 3.21 19.61 -23.54
C TRP A 102 4.39 18.67 -23.44
N PHE A 103 4.53 17.99 -22.30
CA PHE A 103 5.73 17.23 -22.03
C PHE A 103 5.89 16.07 -23.01
N HIS A 104 4.79 15.61 -23.60
CA HIS A 104 4.91 14.53 -24.57
C HIS A 104 5.11 15.06 -25.97
N ILE A 105 4.26 15.99 -26.40
CA ILE A 105 4.38 16.54 -27.75
C ILE A 105 5.68 17.30 -27.90
N SER A 106 6.27 17.73 -26.80
CA SER A 106 7.62 18.25 -26.85
C SER A 106 8.66 17.18 -26.58
N ALA A 107 8.25 15.99 -26.16
CA ALA A 107 9.23 14.94 -25.96
C ALA A 107 9.54 14.23 -27.27
N LEU A 108 8.51 13.70 -27.92
CA LEU A 108 8.70 12.95 -29.15
C LEU A 108 8.70 13.85 -30.38
N THR A 109 9.09 15.10 -30.17
CA THR A 109 9.23 16.11 -31.21
C THR A 109 10.65 16.67 -31.16
N PHE A 110 11.18 16.81 -29.95
CA PHE A 110 12.52 17.31 -29.73
C PHE A 110 13.41 16.36 -28.95
N GLY A 111 12.99 15.11 -28.76
CA GLY A 111 13.80 14.16 -28.05
C GLY A 111 13.47 14.12 -26.56
N ARG A 112 13.46 12.90 -26.01
CA ARG A 112 13.14 12.73 -24.60
C ARG A 112 14.19 13.36 -23.71
N GLU A 113 15.39 13.59 -24.24
CA GLU A 113 16.47 14.11 -23.42
C GLU A 113 16.65 15.61 -23.58
N THR A 114 16.15 16.18 -24.68
CA THR A 114 16.30 17.62 -24.86
C THR A 114 15.31 18.39 -24.01
N VAL A 115 14.14 17.81 -23.74
CA VAL A 115 13.21 18.44 -22.82
C VAL A 115 13.82 18.51 -21.42
N LEU A 116 14.29 17.37 -20.91
CA LEU A 116 14.85 17.34 -19.56
C LEU A 116 16.09 18.22 -19.44
N GLU A 117 16.78 18.47 -20.54
CA GLU A 117 17.84 19.48 -20.54
C GLU A 117 17.27 20.85 -20.83
N TYR A 118 15.96 20.95 -21.01
CA TYR A 118 15.33 22.26 -21.15
C TYR A 118 14.75 22.75 -19.85
N LEU A 119 14.03 21.89 -19.13
CA LEU A 119 13.46 22.28 -17.84
C LEU A 119 14.55 22.72 -16.88
N VAL A 120 15.64 21.97 -16.79
CA VAL A 120 16.77 22.39 -15.99
C VAL A 120 17.36 23.68 -16.55
N SER A 121 17.28 23.86 -17.86
CA SER A 121 17.82 25.07 -18.47
C SER A 121 16.78 26.16 -18.56
N PHE A 122 15.55 25.88 -18.12
CA PHE A 122 14.56 26.93 -18.03
C PHE A 122 14.28 27.30 -16.59
N GLY A 123 14.32 26.33 -15.68
CA GLY A 123 14.21 26.66 -14.27
C GLY A 123 15.32 27.57 -13.82
N VAL A 124 16.52 27.40 -14.38
CA VAL A 124 17.62 28.28 -14.05
C VAL A 124 17.39 29.67 -14.61
N TRP A 125 16.51 29.82 -15.58
CA TRP A 125 16.23 31.13 -16.13
C TRP A 125 15.30 31.93 -15.23
N ILE A 126 14.11 31.41 -14.94
CA ILE A 126 13.15 32.14 -14.12
C ILE A 126 13.68 32.43 -12.73
N ARG A 127 14.36 31.48 -12.12
CA ARG A 127 14.88 31.70 -10.78
C ARG A 127 15.89 32.83 -10.73
N THR A 128 16.59 33.09 -11.82
CA THR A 128 17.52 34.21 -11.86
C THR A 128 16.77 35.52 -11.68
N PRO A 129 17.34 36.49 -10.97
CA PRO A 129 16.71 37.80 -10.87
C PRO A 129 16.59 38.44 -12.24
N PRO A 130 15.57 39.29 -12.40
CA PRO A 130 15.31 40.00 -13.67
C PRO A 130 16.25 41.19 -13.85
N ALA A 131 17.55 40.92 -13.83
CA ALA A 131 18.55 41.98 -13.99
C ALA A 131 19.86 41.42 -14.51
N TYR A 132 20.25 40.26 -13.99
CA TYR A 132 21.49 39.61 -14.40
C TYR A 132 21.22 38.38 -15.26
N ARG A 133 20.35 38.54 -16.26
CA ARG A 133 20.00 37.44 -17.15
C ARG A 133 19.65 37.95 -18.55
N PRO A 134 19.55 37.02 -19.51
CA PRO A 134 19.21 37.34 -20.90
C PRO A 134 17.74 37.73 -21.08
N PRO A 135 17.43 38.38 -22.21
CA PRO A 135 16.05 38.82 -22.50
C PRO A 135 15.11 37.67 -22.79
N ASN A 136 15.50 36.75 -23.67
CA ASN A 136 14.67 35.61 -24.03
C ASN A 136 15.05 34.39 -23.20
N ALA A 137 14.04 33.61 -22.81
CA ALA A 137 14.30 32.40 -22.07
C ALA A 137 14.94 31.35 -22.98
N PRO A 138 15.62 30.37 -22.41
CA PRO A 138 16.26 29.34 -23.24
C PRO A 138 15.23 28.56 -24.05
N ILE A 139 15.72 27.90 -25.10
CA ILE A 139 14.85 27.39 -26.16
C ILE A 139 15.18 25.93 -26.46
N LEU A 140 14.34 25.30 -27.27
CA LEU A 140 14.50 23.90 -27.64
C LEU A 140 15.19 23.81 -28.99
N SER A 141 16.21 22.95 -29.07
CA SER A 141 16.90 22.68 -30.32
C SER A 141 16.67 21.23 -30.71
N THR A 142 16.41 21.01 -31.99
CA THR A 142 16.13 19.66 -32.47
C THR A 142 17.37 18.78 -32.35
N MET B 1 -7.65 14.29 -33.62
CA MET B 1 -7.52 13.05 -34.37
C MET B 1 -8.47 12.01 -33.80
N ASP B 2 -8.38 10.78 -34.30
CA ASP B 2 -9.26 9.70 -33.86
C ASP B 2 -8.44 8.69 -33.07
N ILE B 3 -8.39 8.88 -31.74
CA ILE B 3 -7.59 8.04 -30.87
C ILE B 3 -8.50 7.02 -30.21
N ASP B 4 -8.13 5.75 -30.32
CA ASP B 4 -8.76 4.74 -29.48
C ASP B 4 -7.85 4.43 -28.31
N PRO B 5 -8.38 4.29 -27.10
CA PRO B 5 -7.53 3.93 -25.97
C PRO B 5 -6.85 2.59 -26.12
N TYR B 6 -7.41 1.70 -26.94
CA TYR B 6 -7.04 0.28 -26.94
C TYR B 6 -6.43 -0.16 -28.27
N LYS B 7 -6.43 0.71 -29.27
CA LYS B 7 -6.13 0.35 -30.66
C LYS B 7 -4.80 -0.36 -30.81
N GLU B 8 -3.85 -0.08 -29.93
CA GLU B 8 -2.55 -0.71 -30.05
C GLU B 8 -2.28 -1.77 -29.00
N PHE B 9 -3.27 -2.11 -28.18
CA PHE B 9 -3.10 -3.18 -27.21
C PHE B 9 -3.68 -4.50 -27.70
N GLY B 10 -4.39 -4.47 -28.81
CA GLY B 10 -4.95 -5.69 -29.36
C GLY B 10 -6.46 -5.74 -29.35
N ALA B 11 -7.13 -4.62 -29.13
CA ALA B 11 -8.58 -4.61 -29.12
C ALA B 11 -9.06 -3.20 -29.39
N THR B 12 -10.24 -3.10 -29.98
CA THR B 12 -10.83 -1.82 -30.30
C THR B 12 -11.93 -1.51 -29.29
N VAL B 13 -12.31 -0.23 -29.23
CA VAL B 13 -13.35 0.17 -28.28
C VAL B 13 -14.68 -0.46 -28.67
N GLU B 14 -14.84 -0.86 -29.93
CA GLU B 14 -16.03 -1.62 -30.30
C GLU B 14 -15.95 -3.05 -29.80
N LEU B 15 -14.74 -3.60 -29.67
CA LEU B 15 -14.62 -4.96 -29.17
C LEU B 15 -15.00 -5.06 -27.72
N LEU B 16 -14.72 -4.03 -26.92
CA LEU B 16 -15.15 -3.99 -25.53
C LEU B 16 -16.63 -3.67 -25.39
N SER B 17 -17.34 -3.39 -26.48
CA SER B 17 -18.78 -3.20 -26.38
C SER B 17 -19.50 -4.51 -26.11
N PHE B 18 -18.85 -5.65 -26.33
CA PHE B 18 -19.40 -6.93 -25.94
C PHE B 18 -19.71 -6.95 -24.45
N LEU B 19 -18.74 -6.56 -23.64
CA LEU B 19 -18.92 -6.51 -22.21
C LEU B 19 -20.02 -5.52 -21.87
N PRO B 20 -21.10 -5.96 -21.26
CA PRO B 20 -22.14 -5.01 -20.83
C PRO B 20 -21.60 -4.13 -19.72
N SER B 21 -22.16 -2.92 -19.63
CA SER B 21 -21.64 -1.94 -18.69
C SER B 21 -21.85 -2.36 -17.24
N ASP B 22 -22.64 -3.40 -17.00
CA ASP B 22 -22.81 -3.91 -15.65
C ASP B 22 -21.65 -4.81 -15.25
N PHE B 23 -20.92 -5.31 -16.25
CA PHE B 23 -19.90 -6.33 -15.99
C PHE B 23 -18.71 -5.78 -15.23
N PHE B 24 -18.30 -4.55 -15.53
CA PHE B 24 -17.06 -4.04 -14.98
C PHE B 24 -17.19 -3.81 -13.49
N PRO B 25 -16.27 -4.31 -12.68
CA PRO B 25 -16.30 -4.06 -11.24
C PRO B 25 -16.13 -2.58 -10.94
N SER B 26 -16.49 -2.21 -9.71
CA SER B 26 -16.51 -0.80 -9.33
C SER B 26 -15.12 -0.22 -9.30
N VAL B 27 -15.03 1.10 -9.48
CA VAL B 27 -13.73 1.76 -9.58
C VAL B 27 -12.98 1.67 -8.27
N ARG B 28 -13.70 1.66 -7.14
CA ARG B 28 -13.04 1.55 -5.85
C ARG B 28 -12.42 0.16 -5.67
N ASP B 29 -12.84 -0.81 -6.49
CA ASP B 29 -12.29 -2.15 -6.39
C ASP B 29 -11.06 -2.31 -7.27
N LEU B 30 -11.11 -1.71 -8.45
CA LEU B 30 -9.99 -1.78 -9.39
C LEU B 30 -8.78 -1.01 -8.88
N LEU B 31 -9.05 0.11 -8.22
CA LEU B 31 -8.00 0.96 -7.67
C LEU B 31 -7.29 0.27 -6.52
N ASP B 32 -8.04 -0.50 -5.73
CA ASP B 32 -7.49 -1.23 -4.60
C ASP B 32 -6.77 -2.50 -5.04
N THR B 33 -7.12 -2.97 -6.24
CA THR B 33 -6.51 -4.18 -6.79
C THR B 33 -5.14 -3.88 -7.39
N ALA B 34 -4.92 -2.62 -7.73
CA ALA B 34 -3.65 -2.20 -8.33
C ALA B 34 -2.76 -1.50 -7.30
N ALA B 35 -3.34 -1.16 -6.16
CA ALA B 35 -2.61 -0.48 -5.10
C ALA B 35 -2.16 -1.46 -4.02
N ALA B 36 -2.75 -2.65 -4.04
CA ALA B 36 -2.41 -3.68 -3.06
C ALA B 36 -1.72 -4.86 -3.71
N LEU B 37 -1.53 -4.78 -5.03
CA LEU B 37 -0.87 -5.85 -5.77
C LEU B 37 0.24 -5.31 -6.66
N TYR B 38 -0.02 -4.18 -7.31
CA TYR B 38 0.96 -3.55 -8.19
C TYR B 38 1.45 -2.23 -7.62
N ARG B 39 1.93 -2.27 -6.38
CA ARG B 39 2.43 -1.07 -5.71
C ARG B 39 3.94 -0.96 -5.86
N ASP B 40 4.53 -1.90 -6.60
CA ASP B 40 5.97 -1.92 -6.81
C ASP B 40 6.32 -1.61 -8.26
N ALA B 41 5.47 -2.08 -9.18
CA ALA B 41 5.69 -1.85 -10.60
C ALA B 41 5.16 -0.51 -11.07
N LEU B 42 4.20 0.09 -10.36
CA LEU B 42 3.63 1.37 -10.76
C LEU B 42 4.43 2.53 -10.21
N GLU B 43 4.60 2.62 -8.90
CA GLU B 43 5.43 3.64 -8.29
C GLU B 43 6.88 3.59 -8.76
N SER B 44 7.33 2.44 -9.26
CA SER B 44 8.72 2.27 -9.64
C SER B 44 9.13 3.30 -10.68
N PRO B 45 10.41 3.68 -10.73
CA PRO B 45 10.86 4.69 -11.68
C PRO B 45 11.22 4.16 -13.06
N GLU B 46 10.78 2.97 -13.44
CA GLU B 46 11.06 2.50 -14.78
C GLU B 46 9.90 1.66 -15.28
N HIS B 47 9.40 2.00 -16.46
CA HIS B 47 8.22 1.35 -17.00
C HIS B 47 8.54 -0.08 -17.41
N ALA B 48 7.63 -0.99 -17.11
CA ALA B 48 7.83 -2.41 -17.37
C ALA B 48 7.36 -2.80 -18.77
N SER B 49 6.08 -2.61 -19.05
CA SER B 49 5.47 -2.96 -20.32
C SER B 49 4.54 -1.82 -20.72
N PRO B 50 3.96 -1.87 -21.92
CA PRO B 50 3.07 -0.78 -22.31
C PRO B 50 1.81 -0.70 -21.46
N HIS B 51 1.50 -1.72 -20.68
CA HIS B 51 0.34 -1.63 -19.80
C HIS B 51 0.62 -0.73 -18.61
N HIS B 52 1.77 -0.90 -17.97
CA HIS B 52 2.10 -0.09 -16.80
C HIS B 52 2.12 1.40 -17.14
N THR B 53 2.58 1.74 -18.35
CA THR B 53 2.59 3.14 -18.74
C THR B 53 1.18 3.64 -19.04
N ALA B 54 0.33 2.78 -19.59
CA ALA B 54 -1.04 3.20 -19.84
C ALA B 54 -1.87 3.18 -18.56
N LEU B 55 -1.41 2.45 -17.54
CA LEU B 55 -2.22 2.32 -16.34
C LEU B 55 -1.90 3.40 -15.31
N ARG B 56 -0.73 4.03 -15.38
CA ARG B 56 -0.49 5.23 -14.57
C ARG B 56 -1.51 6.29 -14.94
N GLN B 57 -1.58 6.62 -16.22
CA GLN B 57 -2.47 7.67 -16.71
C GLN B 57 -3.92 7.37 -16.36
N ALA B 58 -4.33 6.11 -16.41
CA ALA B 58 -5.69 5.77 -16.05
C ALA B 58 -5.97 6.09 -14.59
N ILE B 59 -4.99 5.83 -13.71
CA ILE B 59 -5.19 6.15 -12.31
C ILE B 59 -5.14 7.65 -12.08
N LEU B 60 -4.15 8.32 -12.64
CA LEU B 60 -3.99 9.74 -12.38
C LEU B 60 -5.12 10.55 -13.01
N ALA B 61 -5.50 10.21 -14.23
CA ALA B 61 -6.66 10.86 -14.83
C ALA B 61 -7.89 10.69 -13.97
N TRP B 62 -8.07 9.50 -13.39
CA TRP B 62 -9.12 9.34 -12.40
C TRP B 62 -8.76 10.06 -11.11
N GLY B 63 -7.46 10.25 -10.86
CA GLY B 63 -7.05 11.00 -9.69
C GLY B 63 -7.46 12.46 -9.75
N ASP B 64 -7.61 13.01 -10.95
CA ASP B 64 -8.00 14.40 -11.09
C ASP B 64 -9.51 14.55 -11.06
N LEU B 65 -10.23 13.56 -11.61
CA LEU B 65 -11.68 13.62 -11.59
C LEU B 65 -12.20 13.61 -10.16
N MET B 66 -11.60 12.80 -9.29
CA MET B 66 -11.99 12.83 -7.88
C MET B 66 -11.71 14.20 -7.27
N THR B 67 -10.60 14.82 -7.67
CA THR B 67 -10.35 16.19 -7.25
C THR B 67 -11.45 17.11 -7.76
N LEU B 68 -11.90 16.90 -9.00
CA LEU B 68 -13.07 17.60 -9.50
C LEU B 68 -14.29 17.30 -8.64
N ALA B 69 -14.43 16.06 -8.17
CA ALA B 69 -15.56 15.72 -7.32
C ALA B 69 -15.48 16.46 -5.99
N THR B 70 -14.36 16.34 -5.29
CA THR B 70 -14.22 17.03 -4.01
C THR B 70 -14.23 18.54 -4.19
N TRP B 71 -13.73 19.03 -5.31
CA TRP B 71 -13.81 20.46 -5.59
C TRP B 71 -15.26 20.90 -5.75
N VAL B 72 -16.00 20.23 -6.63
CA VAL B 72 -17.37 20.65 -6.94
C VAL B 72 -18.25 20.50 -5.72
N GLY B 73 -17.91 19.59 -4.82
CA GLY B 73 -18.68 19.43 -3.60
C GLY B 73 -18.57 20.56 -2.62
N THR B 74 -17.75 21.58 -2.89
CA THR B 74 -17.53 22.68 -1.98
C THR B 74 -17.47 24.04 -2.65
N ASN B 75 -17.88 24.17 -3.91
CA ASN B 75 -17.78 25.44 -4.60
C ASN B 75 -19.03 25.84 -5.38
N LEU B 76 -19.89 24.92 -5.77
CA LEU B 76 -21.07 25.31 -6.52
C LEU B 76 -22.07 26.04 -5.63
N GLU B 77 -23.15 26.50 -6.25
CA GLU B 77 -24.25 27.12 -5.55
C GLU B 77 -25.46 26.20 -5.42
N ASP B 78 -25.98 25.68 -6.53
CA ASP B 78 -27.15 24.81 -6.57
C ASP B 78 -26.73 23.41 -6.14
N PRO B 79 -27.18 22.95 -4.97
CA PRO B 79 -26.83 21.59 -4.55
C PRO B 79 -27.34 20.52 -5.52
N ALA B 80 -28.45 20.80 -6.19
CA ALA B 80 -29.01 19.85 -7.15
C ALA B 80 -28.02 19.67 -8.29
N SER B 81 -27.41 20.78 -8.71
CA SER B 81 -26.43 20.76 -9.79
C SER B 81 -25.14 20.12 -9.28
N ARG B 82 -24.83 20.37 -8.02
CA ARG B 82 -23.63 19.82 -7.40
C ARG B 82 -23.68 18.31 -7.45
N ASP B 83 -24.81 17.74 -7.02
CA ASP B 83 -24.99 16.30 -7.02
C ASP B 83 -25.04 15.79 -8.46
N LEU B 84 -25.72 16.54 -9.32
CA LEU B 84 -25.84 16.17 -10.72
C LEU B 84 -24.47 15.98 -11.35
N VAL B 85 -23.58 16.94 -11.11
CA VAL B 85 -22.23 16.89 -11.66
C VAL B 85 -21.42 15.80 -10.96
N VAL B 86 -21.63 15.66 -9.65
CA VAL B 86 -20.92 14.67 -8.86
C VAL B 86 -21.31 13.26 -9.30
N SER B 87 -22.61 13.03 -9.46
CA SER B 87 -23.11 11.73 -9.89
C SER B 87 -22.67 11.43 -11.31
N TYR B 88 -22.68 12.46 -12.15
CA TYR B 88 -22.29 12.32 -13.56
C TYR B 88 -20.92 11.65 -13.71
N VAL B 89 -19.94 12.12 -12.94
CA VAL B 89 -18.60 11.57 -12.99
C VAL B 89 -18.57 10.09 -12.65
N ASN B 90 -19.35 9.69 -11.65
CA ASN B 90 -19.41 8.29 -11.23
C ASN B 90 -20.44 7.49 -12.00
N THR B 91 -21.15 8.15 -12.92
CA THR B 91 -22.17 7.48 -13.71
C THR B 91 -21.62 6.96 -15.04
N ASN B 92 -21.21 7.89 -15.91
CA ASN B 92 -20.67 7.53 -17.21
C ASN B 92 -19.15 7.67 -17.29
N VAL B 93 -18.64 8.86 -16.95
CA VAL B 93 -17.21 9.10 -17.01
C VAL B 93 -16.50 8.22 -15.98
N GLY B 94 -17.20 7.86 -14.92
CA GLY B 94 -16.75 6.80 -14.05
C GLY B 94 -16.88 5.42 -14.66
N LEU B 95 -17.50 5.31 -15.83
CA LEU B 95 -17.58 4.02 -16.51
C LEU B 95 -16.35 3.81 -17.40
N LYS B 96 -15.98 4.84 -18.17
CA LYS B 96 -14.88 4.68 -19.11
C LYS B 96 -13.54 4.52 -18.40
N PHE B 97 -13.49 4.76 -17.09
CA PHE B 97 -12.33 4.36 -16.32
C PHE B 97 -12.59 3.06 -15.59
N ARG B 98 -13.71 2.40 -15.88
CA ARG B 98 -13.90 1.03 -15.44
C ARG B 98 -13.49 0.07 -16.54
N GLN B 99 -13.79 0.39 -17.79
CA GLN B 99 -13.27 -0.41 -18.90
C GLN B 99 -11.76 -0.32 -18.95
N LEU B 100 -11.21 0.89 -18.90
CA LEU B 100 -9.78 1.06 -19.02
C LEU B 100 -9.04 0.35 -17.90
N LEU B 101 -9.38 0.63 -16.65
CA LEU B 101 -8.70 -0.02 -15.54
C LEU B 101 -8.94 -1.53 -15.55
N TRP B 102 -10.09 -1.98 -16.05
CA TRP B 102 -10.30 -3.42 -16.16
C TRP B 102 -9.36 -4.02 -17.19
N PHE B 103 -9.31 -3.44 -18.39
CA PHE B 103 -8.59 -4.07 -19.48
C PHE B 103 -7.10 -4.14 -19.21
N HIS B 104 -6.59 -3.27 -18.34
CA HIS B 104 -5.16 -3.35 -18.03
C HIS B 104 -4.91 -4.26 -16.83
N ILE B 105 -5.63 -4.05 -15.74
CA ILE B 105 -5.42 -4.89 -14.56
C ILE B 105 -5.81 -6.34 -14.84
N SER B 106 -6.62 -6.56 -15.86
CA SER B 106 -6.83 -7.91 -16.34
C SER B 106 -5.88 -8.28 -17.46
N ALA B 107 -5.13 -7.33 -18.00
CA ALA B 107 -4.16 -7.68 -19.03
C ALA B 107 -2.87 -8.18 -18.41
N LEU B 108 -2.26 -7.37 -17.55
CA LEU B 108 -0.99 -7.73 -16.94
C LEU B 108 -1.16 -8.55 -15.67
N THR B 109 -2.31 -9.19 -15.50
CA THR B 109 -2.50 -10.22 -14.50
C THR B 109 -2.84 -11.57 -15.12
N PHE B 110 -3.53 -11.57 -16.25
CA PHE B 110 -3.86 -12.81 -16.95
C PHE B 110 -3.27 -12.89 -18.35
N GLY B 111 -2.36 -11.99 -18.71
CA GLY B 111 -1.76 -12.04 -20.03
C GLY B 111 -2.50 -11.17 -21.03
N ARG B 112 -1.73 -10.49 -21.88
CA ARG B 112 -2.31 -9.61 -22.88
C ARG B 112 -3.13 -10.39 -23.90
N GLU B 113 -2.88 -11.68 -24.01
CA GLU B 113 -3.55 -12.47 -25.03
C GLU B 113 -4.73 -13.25 -24.48
N THR B 114 -4.77 -13.47 -23.17
CA THR B 114 -5.90 -14.20 -22.60
C THR B 114 -7.13 -13.32 -22.48
N VAL B 115 -6.94 -12.02 -22.29
CA VAL B 115 -8.07 -11.11 -22.31
C VAL B 115 -8.72 -11.11 -23.69
N LEU B 116 -7.92 -10.87 -24.74
CA LEU B 116 -8.45 -10.81 -26.09
C LEU B 116 -9.08 -12.13 -26.52
N GLU B 117 -8.65 -13.24 -25.93
CA GLU B 117 -9.36 -14.50 -26.14
C GLU B 117 -10.48 -14.66 -25.13
N TYR B 118 -10.68 -13.66 -24.28
CA TYR B 118 -11.83 -13.68 -23.39
C TYR B 118 -12.99 -12.86 -23.94
N LEU B 119 -12.71 -11.65 -24.42
CA LEU B 119 -13.75 -10.83 -24.99
C LEU B 119 -14.44 -11.52 -26.16
N VAL B 120 -13.66 -12.13 -27.05
CA VAL B 120 -14.24 -12.93 -28.12
C VAL B 120 -14.98 -14.12 -27.54
N SER B 121 -14.51 -14.63 -26.40
CA SER B 121 -15.18 -15.78 -25.80
C SER B 121 -16.23 -15.34 -24.80
N PHE B 122 -16.39 -14.04 -24.62
CA PHE B 122 -17.48 -13.55 -23.80
C PHE B 122 -18.56 -12.90 -24.64
N GLY B 123 -18.16 -12.22 -25.71
CA GLY B 123 -19.14 -11.70 -26.65
C GLY B 123 -19.98 -12.80 -27.26
N VAL B 124 -19.36 -13.96 -27.50
CA VAL B 124 -20.11 -15.09 -28.02
C VAL B 124 -21.07 -15.64 -26.98
N TRP B 125 -20.86 -15.33 -25.71
CA TRP B 125 -21.76 -15.79 -24.68
C TRP B 125 -23.04 -14.97 -24.63
N ILE B 126 -22.91 -13.65 -24.42
CA ILE B 126 -24.09 -12.80 -24.30
C ILE B 126 -24.93 -12.81 -25.56
N ARG B 127 -24.28 -12.80 -26.72
CA ARG B 127 -24.97 -12.79 -28.00
C ARG B 127 -26.17 -13.74 -27.98
N THR B 128 -25.97 -14.93 -27.44
CA THR B 128 -27.03 -15.93 -27.35
C THR B 128 -28.14 -15.47 -26.43
N PRO B 129 -29.38 -15.89 -26.72
CA PRO B 129 -30.58 -15.55 -25.93
C PRO B 129 -30.56 -16.17 -24.54
N PRO B 130 -31.31 -15.58 -23.60
CA PRO B 130 -31.40 -16.04 -22.22
C PRO B 130 -31.64 -17.55 -22.13
N ALA B 131 -32.62 -18.04 -22.87
CA ALA B 131 -32.95 -19.47 -22.88
C ALA B 131 -32.27 -20.17 -24.05
N TYR B 132 -30.97 -19.96 -24.21
CA TYR B 132 -30.21 -20.58 -25.28
C TYR B 132 -28.74 -20.74 -24.92
N ARG B 133 -28.22 -19.79 -24.15
CA ARG B 133 -26.82 -19.82 -23.73
C ARG B 133 -26.62 -20.68 -22.48
N PRO B 134 -25.36 -20.82 -22.05
CA PRO B 134 -24.99 -21.61 -20.87
C PRO B 134 -25.26 -20.87 -19.56
N PRO B 135 -25.05 -21.55 -18.42
CA PRO B 135 -25.26 -20.97 -17.09
C PRO B 135 -24.28 -19.85 -16.78
N ASN B 136 -23.04 -20.22 -16.46
CA ASN B 136 -22.01 -19.25 -16.15
C ASN B 136 -21.31 -18.77 -17.41
N ALA B 137 -20.99 -17.49 -17.46
CA ALA B 137 -20.26 -16.97 -18.60
C ALA B 137 -18.82 -17.47 -18.58
N PRO B 138 -18.15 -17.45 -19.71
CA PRO B 138 -16.76 -17.92 -19.75
C PRO B 138 -15.86 -17.08 -18.87
N ILE B 139 -14.70 -17.65 -18.52
CA ILE B 139 -13.88 -17.15 -17.43
C ILE B 139 -12.43 -17.00 -17.88
N LEU B 140 -11.62 -16.36 -17.03
CA LEU B 140 -10.22 -16.12 -17.31
C LEU B 140 -9.37 -17.20 -16.64
N SER B 141 -8.45 -17.76 -17.41
CA SER B 141 -7.50 -18.73 -16.88
C SER B 141 -6.09 -18.14 -16.97
N THR B 142 -5.32 -18.34 -15.91
CA THR B 142 -3.96 -17.80 -15.85
C THR B 142 -3.08 -18.45 -16.89
N MET C 1 10.86 3.76 12.41
CA MET C 1 11.02 3.41 11.00
C MET C 1 9.68 2.92 10.44
N ASP C 2 9.69 2.44 9.21
CA ASP C 2 8.49 1.96 8.56
C ASP C 2 8.58 0.45 8.40
N ILE C 3 8.07 -0.29 9.39
CA ILE C 3 8.15 -1.74 9.41
C ILE C 3 6.82 -2.32 8.94
N ASP C 4 6.88 -3.19 7.95
CA ASP C 4 5.72 -4.00 7.62
C ASP C 4 5.89 -5.38 8.24
N PRO C 5 4.85 -5.95 8.85
CA PRO C 5 4.98 -7.30 9.41
C PRO C 5 5.31 -8.34 8.37
N TYR C 6 4.99 -8.10 7.10
CA TYR C 6 4.95 -9.13 6.08
C TYR C 6 5.98 -8.88 4.96
N LYS C 7 6.64 -7.72 4.98
CA LYS C 7 7.45 -7.23 3.86
C LYS C 7 8.48 -8.23 3.39
N GLU C 8 8.96 -9.09 4.28
CA GLU C 8 9.99 -10.04 3.89
C GLU C 8 9.48 -11.46 3.79
N PHE C 9 8.17 -11.68 3.92
CA PHE C 9 7.62 -13.02 3.75
C PHE C 9 7.03 -13.21 2.37
N GLY C 10 6.93 -12.14 1.59
CA GLY C 10 6.40 -12.26 0.25
C GLY C 10 5.10 -11.55 0.02
N ALA C 11 4.69 -10.66 0.93
CA ALA C 11 3.45 -9.94 0.77
C ALA C 11 3.50 -8.69 1.61
N THR C 12 2.78 -7.66 1.17
CA THR C 12 2.73 -6.41 1.86
C THR C 12 1.41 -6.29 2.60
N VAL C 13 1.36 -5.37 3.57
CA VAL C 13 0.14 -5.20 4.34
C VAL C 13 -0.98 -4.68 3.46
N GLU C 14 -0.65 -4.05 2.33
CA GLU C 14 -1.67 -3.69 1.37
C GLU C 14 -2.17 -4.90 0.60
N LEU C 15 -1.33 -5.91 0.42
CA LEU C 15 -1.78 -7.11 -0.29
C LEU C 15 -2.81 -7.88 0.53
N LEU C 16 -2.67 -7.88 1.85
CA LEU C 16 -3.66 -8.51 2.71
C LEU C 16 -4.93 -7.67 2.87
N SER C 17 -4.96 -6.47 2.30
CA SER C 17 -6.20 -5.70 2.32
C SER C 17 -7.26 -6.29 1.41
N PHE C 18 -6.87 -7.16 0.48
CA PHE C 18 -7.83 -7.91 -0.31
C PHE C 18 -8.78 -8.68 0.59
N LEU C 19 -8.22 -9.44 1.51
CA LEU C 19 -9.02 -10.22 2.45
C LEU C 19 -9.87 -9.28 3.28
N PRO C 20 -11.19 -9.37 3.20
CA PRO C 20 -12.04 -8.55 4.06
C PRO C 20 -11.86 -8.99 5.51
N SER C 21 -12.09 -8.03 6.41
CA SER C 21 -11.84 -8.30 7.83
C SER C 21 -12.79 -9.34 8.41
N ASP C 22 -13.83 -9.72 7.67
CA ASP C 22 -14.71 -10.79 8.12
C ASP C 22 -14.11 -12.15 7.83
N PHE C 23 -13.16 -12.21 6.89
CA PHE C 23 -12.65 -13.49 6.42
C PHE C 23 -11.84 -14.22 7.47
N PHE C 24 -11.05 -13.51 8.26
CA PHE C 24 -10.11 -14.16 9.15
C PHE C 24 -10.86 -14.89 10.27
N PRO C 25 -10.55 -16.15 10.51
CA PRO C 25 -11.18 -16.88 11.62
C PRO C 25 -10.81 -16.26 12.95
N SER C 26 -11.59 -16.62 13.97
CA SER C 26 -11.45 -16.00 15.28
C SER C 26 -10.11 -16.37 15.92
N VAL C 27 -9.64 -15.50 16.81
CA VAL C 27 -8.32 -15.69 17.42
C VAL C 27 -8.30 -16.95 18.27
N ARG C 28 -9.43 -17.29 18.90
CA ARG C 28 -9.48 -18.49 19.71
C ARG C 28 -9.37 -19.75 18.86
N ASP C 29 -9.59 -19.61 17.54
CA ASP C 29 -9.49 -20.76 16.66
C ASP C 29 -8.07 -20.92 16.11
N LEU C 30 -7.40 -19.81 15.81
CA LEU C 30 -6.04 -19.93 15.29
C LEU C 30 -5.07 -20.35 16.39
N LEU C 31 -5.27 -19.84 17.60
CA LEU C 31 -4.42 -20.26 18.71
C LEU C 31 -4.58 -21.74 18.98
N ASP C 32 -5.78 -22.29 18.74
CA ASP C 32 -5.96 -23.72 18.88
C ASP C 32 -5.33 -24.48 17.74
N THR C 33 -5.43 -23.97 16.51
CA THR C 33 -4.84 -24.66 15.38
C THR C 33 -3.33 -24.68 15.50
N ALA C 34 -2.75 -23.57 15.96
CA ALA C 34 -1.31 -23.53 16.18
C ALA C 34 -0.90 -24.40 17.35
N ALA C 35 -1.68 -24.38 18.42
CA ALA C 35 -1.31 -25.13 19.61
C ALA C 35 -1.67 -26.60 19.48
N ALA C 36 -2.34 -26.96 18.38
CA ALA C 36 -2.74 -28.34 18.15
C ALA C 36 -2.09 -28.90 16.89
N LEU C 37 -1.08 -28.20 16.39
CA LEU C 37 -0.38 -28.64 15.18
C LEU C 37 0.99 -27.99 15.06
N TYR C 38 1.31 -27.10 16.01
CA TYR C 38 2.59 -26.41 16.00
C TYR C 38 3.19 -26.29 17.41
N ARG C 39 3.02 -27.34 18.21
CA ARG C 39 3.53 -27.35 19.57
C ARG C 39 4.96 -27.87 19.58
N ASP C 40 5.19 -28.97 18.88
CA ASP C 40 6.50 -29.59 18.79
C ASP C 40 7.49 -28.72 18.01
N ALA C 41 7.02 -27.87 17.13
CA ALA C 41 7.90 -26.95 16.42
C ALA C 41 7.99 -25.58 17.08
N LEU C 42 6.99 -25.19 17.86
CA LEU C 42 6.99 -23.88 18.51
C LEU C 42 7.71 -23.92 19.85
N GLU C 43 7.28 -24.78 20.76
CA GLU C 43 7.96 -24.96 22.04
C GLU C 43 9.40 -25.42 21.88
N SER C 44 9.74 -26.03 20.74
CA SER C 44 11.07 -26.59 20.53
C SER C 44 12.14 -25.53 20.72
N PRO C 45 13.34 -25.91 21.13
CA PRO C 45 14.41 -24.93 21.35
C PRO C 45 15.22 -24.59 20.11
N GLU C 46 14.73 -24.84 18.91
CA GLU C 46 15.46 -24.42 17.72
C GLU C 46 14.49 -24.03 16.64
N HIS C 47 14.69 -22.86 16.08
CA HIS C 47 13.76 -22.31 15.10
C HIS C 47 13.89 -23.08 13.78
N ALA C 48 12.74 -23.35 13.17
CA ALA C 48 12.69 -24.14 11.95
C ALA C 48 12.83 -23.28 10.71
N SER C 49 11.91 -22.35 10.52
CA SER C 49 11.88 -21.46 9.37
C SER C 49 11.53 -20.07 9.86
N PRO C 50 11.58 -19.06 8.99
CA PRO C 50 11.25 -17.71 9.45
C PRO C 50 9.81 -17.55 9.90
N HIS C 51 8.93 -18.51 9.58
CA HIS C 51 7.56 -18.42 10.07
C HIS C 51 7.48 -18.76 11.55
N HIS C 52 8.14 -19.84 11.97
CA HIS C 52 8.08 -20.24 13.37
C HIS C 52 8.61 -19.15 14.29
N THR C 53 9.63 -18.42 13.83
CA THR C 53 10.16 -17.33 14.65
C THR C 53 9.22 -16.14 14.68
N ALA C 54 8.53 -15.89 13.57
CA ALA C 54 7.56 -14.79 13.55
C ALA C 54 6.28 -15.19 14.25
N LEU C 55 6.02 -16.49 14.40
CA LEU C 55 4.76 -16.91 14.97
C LEU C 55 4.82 -17.06 16.48
N ARG C 56 6.02 -17.22 17.06
CA ARG C 56 6.13 -17.13 18.51
C ARG C 56 5.68 -15.75 18.97
N GLN C 57 6.29 -14.72 18.40
CA GLN C 57 6.01 -13.35 18.77
C GLN C 57 4.53 -13.01 18.59
N ALA C 58 3.89 -13.53 17.54
CA ALA C 58 2.47 -13.28 17.34
C ALA C 58 1.65 -13.85 18.49
N ILE C 59 2.03 -15.04 18.96
CA ILE C 59 1.30 -15.64 20.07
C ILE C 59 1.59 -14.90 21.38
N LEU C 60 2.87 -14.65 21.64
CA LEU C 60 3.23 -14.02 22.92
C LEU C 60 2.75 -12.59 23.00
N ALA C 61 2.89 -11.83 21.91
CA ALA C 61 2.34 -10.49 21.88
C ALA C 61 0.85 -10.52 22.14
N TRP C 62 0.14 -11.50 21.59
CA TRP C 62 -1.26 -11.69 21.96
C TRP C 62 -1.36 -12.24 23.38
N GLY C 63 -0.32 -12.92 23.84
CA GLY C 63 -0.31 -13.41 25.21
C GLY C 63 -0.29 -12.30 26.23
N ASP C 64 0.28 -11.14 25.86
CA ASP C 64 0.33 -10.02 26.79
C ASP C 64 -0.94 -9.18 26.73
N LEU C 65 -1.54 -9.09 25.54
CA LEU C 65 -2.79 -8.33 25.43
C LEU C 65 -3.89 -8.97 26.26
N MET C 66 -3.96 -10.30 26.28
CA MET C 66 -4.94 -10.96 27.14
C MET C 66 -4.64 -10.67 28.61
N THR C 67 -3.36 -10.59 28.96
CA THR C 67 -3.00 -10.15 30.30
C THR C 67 -3.49 -8.72 30.55
N LEU C 68 -3.36 -7.87 29.54
CA LEU C 68 -3.97 -6.55 29.61
C LEU C 68 -5.47 -6.64 29.77
N ALA C 69 -6.10 -7.61 29.11
CA ALA C 69 -7.54 -7.78 29.26
C ALA C 69 -7.90 -8.20 30.68
N THR C 70 -7.29 -9.28 31.17
CA THR C 70 -7.59 -9.74 32.52
C THR C 70 -7.15 -8.70 33.56
N TRP C 71 -6.08 -7.96 33.28
CA TRP C 71 -5.69 -6.89 34.19
C TRP C 71 -6.74 -5.80 34.24
N VAL C 72 -7.14 -5.27 33.07
CA VAL C 72 -8.07 -4.16 33.03
C VAL C 72 -9.43 -4.56 33.58
N GLY C 73 -9.76 -5.84 33.51
CA GLY C 73 -11.02 -6.30 34.06
C GLY C 73 -11.10 -6.29 35.57
N THR C 74 -10.02 -5.93 36.26
CA THR C 74 -9.98 -5.94 37.71
C THR C 74 -9.30 -4.74 38.33
N ASN C 75 -9.04 -3.68 37.57
CA ASN C 75 -8.34 -2.51 38.12
C ASN C 75 -8.95 -1.17 37.78
N LEU C 76 -9.74 -1.05 36.70
CA LEU C 76 -10.31 0.25 36.39
C LEU C 76 -11.39 0.62 37.39
N GLU C 77 -11.93 1.83 37.20
CA GLU C 77 -13.05 2.33 37.99
C GLU C 77 -14.36 2.29 37.22
N ASP C 78 -14.42 2.94 36.05
CA ASP C 78 -15.62 3.03 35.23
C ASP C 78 -15.80 1.71 34.48
N PRO C 79 -16.82 0.92 34.83
CA PRO C 79 -17.05 -0.33 34.09
C PRO C 79 -17.29 -0.13 32.60
N ALA C 80 -17.88 1.02 32.25
CA ALA C 80 -18.15 1.33 30.85
C ALA C 80 -16.82 1.43 30.10
N SER C 81 -15.84 2.05 30.75
CA SER C 81 -14.52 2.21 30.16
C SER C 81 -13.79 0.88 30.18
N ARG C 82 -14.06 0.09 31.22
CA ARG C 82 -13.44 -1.23 31.36
C ARG C 82 -13.83 -2.10 30.18
N ASP C 83 -15.11 -2.10 29.84
CA ASP C 83 -15.61 -2.89 28.73
C ASP C 83 -15.14 -2.28 27.41
N LEU C 84 -15.15 -0.95 27.35
CA LEU C 84 -14.71 -0.24 26.16
C LEU C 84 -13.29 -0.65 25.78
N VAL C 85 -12.40 -0.66 26.77
CA VAL C 85 -11.01 -1.05 26.54
C VAL C 85 -10.91 -2.54 26.27
N VAL C 86 -11.78 -3.31 26.89
CA VAL C 86 -11.79 -4.76 26.71
C VAL C 86 -12.32 -5.13 25.32
N SER C 87 -13.29 -4.36 24.84
CA SER C 87 -13.88 -4.59 23.53
C SER C 87 -13.01 -4.02 22.42
N TYR C 88 -12.14 -3.08 22.77
CA TYR C 88 -11.25 -2.44 21.81
C TYR C 88 -10.06 -3.35 21.49
N VAL C 89 -9.77 -4.28 22.39
CA VAL C 89 -8.67 -5.21 22.21
C VAL C 89 -9.10 -6.43 21.40
N ASN C 90 -10.41 -6.57 21.20
CA ASN C 90 -10.94 -7.70 20.45
C ASN C 90 -11.75 -7.25 19.23
N THR C 91 -11.50 -6.03 18.78
CA THR C 91 -12.20 -5.49 17.61
C THR C 91 -11.20 -5.13 16.50
N ASN C 92 -10.43 -4.07 16.71
CA ASN C 92 -9.45 -3.64 15.74
C ASN C 92 -8.05 -4.09 16.13
N VAL C 93 -7.77 -4.06 17.44
CA VAL C 93 -6.47 -4.47 17.96
C VAL C 93 -6.31 -5.99 17.83
N GLY C 94 -7.38 -6.72 18.10
CA GLY C 94 -7.36 -8.17 18.01
C GLY C 94 -7.36 -8.64 16.57
N LEU C 95 -7.85 -7.78 15.68
CA LEU C 95 -7.92 -8.10 14.26
C LEU C 95 -6.52 -8.28 13.68
N LYS C 96 -5.59 -7.38 14.02
CA LYS C 96 -4.26 -7.44 13.43
C LYS C 96 -3.48 -8.64 13.93
N PHE C 97 -3.98 -9.33 14.95
CA PHE C 97 -3.43 -10.63 15.29
C PHE C 97 -4.30 -11.74 14.72
N ARG C 98 -5.28 -11.39 13.90
CA ARG C 98 -5.98 -12.40 13.11
C ARG C 98 -5.36 -12.51 11.73
N GLN C 99 -4.96 -11.38 11.15
CA GLN C 99 -4.21 -11.42 9.90
C GLN C 99 -2.87 -12.10 10.10
N LEU C 100 -2.14 -11.67 11.13
CA LEU C 100 -0.80 -12.21 11.36
C LEU C 100 -0.85 -13.72 11.62
N LEU C 101 -1.65 -14.15 12.59
CA LEU C 101 -1.73 -15.58 12.89
C LEU C 101 -2.29 -16.35 11.71
N TRP C 102 -3.16 -15.74 10.91
CA TRP C 102 -3.63 -16.43 9.71
C TRP C 102 -2.51 -16.62 8.72
N PHE C 103 -1.78 -15.56 8.40
CA PHE C 103 -0.82 -15.61 7.31
C PHE C 103 0.32 -16.58 7.62
N HIS C 104 0.57 -16.85 8.90
CA HIS C 104 1.63 -17.80 9.21
C HIS C 104 1.09 -19.22 9.31
N ILE C 105 0.01 -19.42 10.07
CA ILE C 105 -0.55 -20.76 10.21
C ILE C 105 -1.10 -21.26 8.89
N SER C 106 -1.38 -20.35 7.97
CA SER C 106 -1.67 -20.76 6.60
C SER C 106 -0.43 -20.76 5.73
N ALA C 107 0.68 -20.23 6.21
CA ALA C 107 1.90 -20.29 5.41
C ALA C 107 2.60 -21.62 5.57
N LEU C 108 2.94 -21.98 6.81
CA LEU C 108 3.65 -23.20 7.09
C LEU C 108 2.73 -24.40 7.24
N THR C 109 1.57 -24.30 6.61
CA THR C 109 0.56 -25.37 6.59
C THR C 109 0.25 -25.70 5.13
N PHE C 110 0.23 -24.67 4.28
CA PHE C 110 -0.03 -24.81 2.86
C PHE C 110 1.10 -24.28 1.98
N GLY C 111 2.25 -23.99 2.54
CA GLY C 111 3.36 -23.49 1.74
C GLY C 111 3.39 -21.97 1.67
N ARG C 112 4.60 -21.42 1.75
CA ARG C 112 4.76 -19.98 1.71
C ARG C 112 4.35 -19.40 0.37
N GLU C 113 4.29 -20.23 -0.66
CA GLU C 113 3.99 -19.73 -2.00
C GLU C 113 2.54 -19.96 -2.38
N THR C 114 1.86 -20.89 -1.72
CA THR C 114 0.46 -21.12 -2.06
C THR C 114 -0.43 -20.04 -1.46
N VAL C 115 -0.04 -19.47 -0.33
CA VAL C 115 -0.79 -18.35 0.22
C VAL C 115 -0.71 -17.16 -0.75
N LEU C 116 0.51 -16.78 -1.10
CA LEU C 116 0.72 -15.66 -2.01
C LEU C 116 -0.07 -15.88 -3.29
N GLU C 117 -0.18 -17.15 -3.70
CA GLU C 117 -0.91 -17.50 -4.91
C GLU C 117 -2.41 -17.48 -4.64
N TYR C 118 -2.78 -17.71 -3.39
CA TYR C 118 -4.19 -17.72 -2.99
C TYR C 118 -4.66 -16.29 -2.72
N LEU C 119 -3.76 -15.47 -2.18
CA LEU C 119 -4.09 -14.08 -1.88
C LEU C 119 -4.55 -13.35 -3.13
N VAL C 120 -3.81 -13.53 -4.22
CA VAL C 120 -4.14 -12.91 -5.49
C VAL C 120 -5.37 -13.58 -6.11
N SER C 121 -5.51 -14.87 -5.85
CA SER C 121 -6.63 -15.64 -6.37
C SER C 121 -7.92 -15.26 -5.65
N PHE C 122 -7.79 -14.90 -4.37
CA PHE C 122 -8.94 -14.50 -3.57
C PHE C 122 -9.24 -13.01 -3.76
N GLY C 123 -8.19 -12.22 -3.95
CA GLY C 123 -8.34 -10.80 -4.15
C GLY C 123 -9.07 -10.50 -5.44
N VAL C 124 -8.79 -11.28 -6.48
CA VAL C 124 -9.43 -11.10 -7.77
C VAL C 124 -10.90 -11.50 -7.69
N TRP C 125 -11.21 -12.37 -6.75
CA TRP C 125 -12.57 -12.84 -6.55
C TRP C 125 -13.48 -11.74 -6.04
N ILE C 126 -13.16 -11.13 -4.90
CA ILE C 126 -14.02 -10.11 -4.32
C ILE C 126 -14.17 -8.90 -5.23
N ARG C 127 -13.10 -8.48 -5.89
CA ARG C 127 -13.18 -7.32 -6.77
C ARG C 127 -14.13 -7.56 -7.93
N THR C 128 -14.30 -8.80 -8.35
CA THR C 128 -15.24 -9.09 -9.42
C THR C 128 -16.66 -8.74 -8.97
N PRO C 129 -17.50 -8.22 -9.87
CA PRO C 129 -18.88 -7.97 -9.51
C PRO C 129 -19.59 -9.26 -9.15
N PRO C 130 -20.62 -9.20 -8.31
CA PRO C 130 -21.18 -10.42 -7.72
C PRO C 130 -21.92 -11.31 -8.71
N ALA C 131 -21.99 -10.90 -9.97
CA ALA C 131 -22.78 -11.65 -10.95
C ALA C 131 -21.95 -12.65 -11.72
N TYR C 132 -20.68 -12.34 -11.99
CA TYR C 132 -19.88 -13.15 -12.90
C TYR C 132 -18.81 -13.95 -12.18
N ARG C 133 -18.70 -13.79 -10.87
CA ARG C 133 -17.76 -14.57 -10.09
C ARG C 133 -18.43 -15.85 -9.62
N PRO C 134 -17.68 -16.92 -9.46
CA PRO C 134 -18.28 -18.20 -9.07
C PRO C 134 -18.95 -18.10 -7.71
N PRO C 135 -19.72 -19.10 -7.33
CA PRO C 135 -20.40 -19.04 -6.02
C PRO C 135 -19.43 -19.05 -4.86
N ASN C 136 -18.49 -19.98 -4.85
CA ASN C 136 -17.51 -20.10 -3.77
C ASN C 136 -16.22 -19.38 -4.13
N ALA C 137 -15.61 -18.74 -3.15
CA ALA C 137 -14.33 -18.08 -3.38
C ALA C 137 -13.24 -19.11 -3.57
N PRO C 138 -12.13 -18.73 -4.21
CA PRO C 138 -11.04 -19.68 -4.42
C PRO C 138 -10.48 -20.19 -3.10
N ILE C 139 -9.77 -21.32 -3.17
CA ILE C 139 -9.45 -22.12 -1.99
C ILE C 139 -7.97 -22.46 -1.99
N LEU C 140 -7.51 -23.01 -0.86
CA LEU C 140 -6.12 -23.40 -0.68
C LEU C 140 -5.96 -24.89 -0.98
N SER C 141 -4.95 -25.22 -1.77
CA SER C 141 -4.60 -26.60 -2.06
C SER C 141 -3.22 -26.89 -1.49
N THR C 142 -3.09 -28.07 -0.87
CA THR C 142 -1.83 -28.45 -0.26
C THR C 142 -0.74 -28.63 -1.32
N MET D 1 0.27 -23.00 25.04
CA MET D 1 1.48 -23.79 25.24
C MET D 1 2.46 -23.02 26.12
N ASP D 2 3.66 -23.55 26.29
CA ASP D 2 4.67 -22.92 27.14
C ASP D 2 5.80 -22.39 26.25
N ILE D 3 5.68 -21.14 25.84
CA ILE D 3 6.64 -20.52 24.93
C ILE D 3 7.60 -19.67 25.74
N ASP D 4 8.88 -19.90 25.56
CA ASP D 4 9.88 -18.96 26.05
C ASP D 4 10.34 -18.07 24.91
N PRO D 5 10.48 -16.77 25.12
CA PRO D 5 10.98 -15.90 24.04
C PRO D 5 12.37 -16.27 23.57
N TYR D 6 13.16 -16.93 24.42
CA TYR D 6 14.60 -17.06 24.22
C TYR D 6 15.03 -18.51 24.01
N LYS D 7 14.11 -19.46 24.19
CA LYS D 7 14.43 -20.89 24.29
C LYS D 7 15.26 -21.40 23.12
N GLU D 8 15.11 -20.79 21.96
CA GLU D 8 15.86 -21.27 20.80
C GLU D 8 16.98 -20.35 20.39
N PHE D 9 17.28 -19.30 21.17
CA PHE D 9 18.41 -18.45 20.86
C PHE D 9 19.63 -18.80 21.69
N GLY D 10 19.48 -19.68 22.66
CA GLY D 10 20.61 -20.09 23.46
C GLY D 10 20.51 -19.70 24.91
N ALA D 11 19.35 -19.28 25.38
CA ALA D 11 19.21 -18.88 26.77
C ALA D 11 17.74 -18.98 27.15
N THR D 12 17.50 -19.24 28.43
CA THR D 12 16.15 -19.37 28.95
C THR D 12 15.79 -18.10 29.71
N VAL D 13 14.49 -17.91 29.92
CA VAL D 13 14.04 -16.71 30.63
C VAL D 13 14.52 -16.75 32.07
N GLU D 14 14.83 -17.93 32.60
CA GLU D 14 15.46 -17.99 33.91
C GLU D 14 16.92 -17.57 33.86
N LEU D 15 17.59 -17.77 32.72
CA LEU D 15 18.98 -17.36 32.62
C LEU D 15 19.11 -15.85 32.63
N LEU D 16 18.16 -15.14 32.05
CA LEU D 16 18.14 -13.69 32.09
C LEU D 16 17.68 -13.15 33.44
N SER D 17 17.29 -14.01 34.37
CA SER D 17 16.97 -13.53 35.71
C SER D 17 18.22 -13.12 36.47
N PHE D 18 19.40 -13.53 36.02
CA PHE D 18 20.64 -13.03 36.58
C PHE D 18 20.70 -11.52 36.51
N LEU D 19 20.45 -10.98 35.32
CA LEU D 19 20.46 -9.55 35.11
C LEU D 19 19.38 -8.91 35.98
N PRO D 20 19.75 -8.05 36.92
CA PRO D 20 18.73 -7.34 37.70
C PRO D 20 17.96 -6.40 36.80
N SER D 21 16.71 -6.14 37.19
CA SER D 21 15.83 -5.33 36.33
C SER D 21 16.30 -3.89 36.21
N ASP D 22 17.28 -3.48 37.02
CA ASP D 22 17.84 -2.13 36.89
C ASP D 22 18.86 -2.09 35.77
N PHE D 23 19.38 -3.25 35.37
CA PHE D 23 20.50 -3.29 34.44
C PHE D 23 20.10 -2.85 33.04
N PHE D 24 18.92 -3.22 32.59
CA PHE D 24 18.55 -3.01 31.20
C PHE D 24 18.39 -1.52 30.92
N PRO D 25 19.02 -1.00 29.88
CA PRO D 25 18.83 0.40 29.52
C PRO D 25 17.40 0.68 29.11
N SER D 26 17.05 1.97 29.11
CA SER D 26 15.68 2.38 28.89
C SER D 26 15.23 2.06 27.46
N VAL D 27 13.92 1.89 27.29
CA VAL D 27 13.38 1.47 26.01
C VAL D 27 13.62 2.54 24.95
N ARG D 28 13.61 3.81 25.35
CA ARG D 28 13.85 4.88 24.40
C ARG D 28 15.29 4.87 23.90
N ASP D 29 16.17 4.16 24.61
CA ASP D 29 17.58 4.08 24.20
C ASP D 29 17.81 2.90 23.28
N LEU D 30 17.15 1.77 23.53
CA LEU D 30 17.35 0.62 22.66
C LEU D 30 16.67 0.83 21.32
N LEU D 31 15.51 1.47 21.31
CA LEU D 31 14.85 1.76 20.04
C LEU D 31 15.69 2.70 19.21
N ASP D 32 16.44 3.59 19.85
CA ASP D 32 17.35 4.45 19.11
C ASP D 32 18.58 3.69 18.63
N THR D 33 19.10 2.80 19.46
CA THR D 33 20.27 2.01 19.11
C THR D 33 19.97 1.04 17.98
N ALA D 34 18.74 0.56 17.92
CA ALA D 34 18.31 -0.38 16.89
C ALA D 34 17.86 0.36 15.63
N ALA D 35 17.43 1.60 15.81
CA ALA D 35 16.96 2.41 14.68
C ALA D 35 18.07 3.31 14.15
N ALA D 36 19.27 3.15 14.71
CA ALA D 36 20.41 3.96 14.29
C ALA D 36 21.57 3.07 13.85
N LEU D 37 21.41 1.77 14.02
CA LEU D 37 22.44 0.81 13.65
C LEU D 37 21.88 -0.29 12.76
N TYR D 38 20.57 -0.51 12.85
CA TYR D 38 19.91 -1.54 12.06
C TYR D 38 18.68 -0.99 11.35
N ARG D 39 18.90 -0.17 10.33
CA ARG D 39 17.81 0.42 9.57
C ARG D 39 17.79 -0.09 8.14
N ASP D 40 18.84 -0.85 7.78
CA ASP D 40 18.94 -1.41 6.44
C ASP D 40 18.79 -2.92 6.48
N ALA D 41 18.76 -3.48 7.68
CA ALA D 41 18.61 -4.92 7.87
C ALA D 41 17.20 -5.27 8.31
N LEU D 42 16.61 -4.39 9.13
CA LEU D 42 15.26 -4.59 9.64
C LEU D 42 14.23 -4.17 8.59
N GLU D 43 14.32 -2.92 8.15
CA GLU D 43 13.40 -2.39 7.16
C GLU D 43 13.56 -3.13 5.82
N SER D 44 14.74 -3.71 5.62
CA SER D 44 15.02 -4.46 4.40
C SER D 44 13.98 -5.55 4.16
N PRO D 45 13.73 -5.90 2.92
CA PRO D 45 12.71 -6.92 2.62
C PRO D 45 13.21 -8.36 2.67
N GLU D 46 14.33 -8.64 3.33
CA GLU D 46 14.76 -10.03 3.46
C GLU D 46 15.45 -10.21 4.80
N HIS D 47 15.01 -11.21 5.54
CA HIS D 47 15.51 -11.45 6.87
C HIS D 47 16.94 -11.96 6.82
N ALA D 48 17.77 -11.46 7.73
CA ALA D 48 19.19 -11.80 7.74
C ALA D 48 19.47 -13.02 8.60
N SER D 49 19.13 -12.96 9.88
CA SER D 49 19.36 -14.03 10.83
C SER D 49 18.12 -14.14 11.71
N PRO D 50 18.05 -15.16 12.58
CA PRO D 50 16.86 -15.27 13.43
C PRO D 50 16.70 -14.13 14.41
N HIS D 51 17.74 -13.31 14.61
CA HIS D 51 17.58 -12.16 15.49
C HIS D 51 16.77 -11.05 14.82
N HIS D 52 17.08 -10.75 13.56
CA HIS D 52 16.36 -9.68 12.86
C HIS D 52 14.87 -9.98 12.78
N THR D 53 14.52 -11.25 12.62
CA THR D 53 13.11 -11.60 12.55
C THR D 53 12.45 -11.51 13.92
N ALA D 54 13.19 -11.84 14.97
CA ALA D 54 12.63 -11.71 16.31
C ALA D 54 12.64 -10.27 16.77
N LEU D 55 13.47 -9.42 16.15
CA LEU D 55 13.57 -8.05 16.63
C LEU D 55 12.58 -7.11 15.95
N ARG D 56 12.07 -7.48 14.78
CA ARG D 56 10.95 -6.73 14.21
C ARG D 56 9.77 -6.78 15.17
N GLN D 57 9.37 -7.99 15.53
CA GLN D 57 8.22 -8.21 16.40
C GLN D 57 8.39 -7.50 17.73
N ALA D 58 9.61 -7.47 18.27
CA ALA D 58 9.84 -6.78 19.53
C ALA D 58 9.56 -5.29 19.38
N ILE D 59 9.96 -4.70 18.25
CA ILE D 59 9.70 -3.29 18.03
C ILE D 59 8.22 -3.04 17.78
N LEU D 60 7.62 -3.82 16.89
CA LEU D 60 6.23 -3.59 16.52
C LEU D 60 5.29 -3.87 17.68
N ALA D 61 5.53 -4.96 18.41
CA ALA D 61 4.74 -5.22 19.60
C ALA D 61 4.84 -4.07 20.58
N TRP D 62 6.03 -3.49 20.72
CA TRP D 62 6.15 -2.26 21.49
C TRP D 62 5.53 -1.10 20.75
N GLY D 63 5.47 -1.20 19.41
CA GLY D 63 4.82 -0.16 18.64
C GLY D 63 3.34 -0.07 18.89
N ASP D 64 2.72 -1.19 19.28
CA ASP D 64 1.28 -1.17 19.54
C ASP D 64 1.00 -0.75 20.98
N LEU D 65 1.88 -1.11 21.91
CA LEU D 65 1.68 -0.70 23.29
C LEU D 65 1.73 0.81 23.44
N MET D 66 2.63 1.47 22.71
CA MET D 66 2.63 2.93 22.73
C MET D 66 1.33 3.48 22.14
N THR D 67 0.80 2.82 21.12
CA THR D 67 -0.52 3.19 20.63
C THR D 67 -1.57 3.01 21.72
N LEU D 68 -1.46 1.93 22.49
CA LEU D 68 -2.30 1.77 23.67
C LEU D 68 -2.07 2.91 24.66
N ALA D 69 -0.83 3.36 24.80
CA ALA D 69 -0.56 4.48 25.70
C ALA D 69 -1.22 5.75 25.20
N THR D 70 -0.96 6.14 23.95
CA THR D 70 -1.56 7.35 23.42
C THR D 70 -3.07 7.22 23.32
N TRP D 71 -3.57 6.01 23.07
CA TRP D 71 -5.01 5.81 23.07
C TRP D 71 -5.60 6.03 24.45
N VAL D 72 -5.05 5.36 25.47
CA VAL D 72 -5.61 5.44 26.81
C VAL D 72 -5.48 6.85 27.37
N GLY D 73 -4.49 7.60 26.90
CA GLY D 73 -4.35 8.97 27.34
C GLY D 73 -5.42 9.92 26.86
N THR D 74 -6.36 9.46 26.04
CA THR D 74 -7.39 10.32 25.48
C THR D 74 -8.78 9.69 25.45
N ASN D 75 -9.00 8.59 26.15
CA ASN D 75 -10.30 7.93 26.10
C ASN D 75 -10.85 7.51 27.45
N LEU D 76 -10.03 7.33 28.48
CA LEU D 76 -10.58 6.93 29.76
C LEU D 76 -11.35 8.07 30.42
N GLU D 77 -11.94 7.76 31.57
CA GLU D 77 -12.63 8.75 32.39
C GLU D 77 -11.82 9.16 33.62
N ASP D 78 -11.42 8.20 34.44
CA ASP D 78 -10.67 8.46 35.68
C ASP D 78 -9.21 8.73 35.32
N PRO D 79 -8.74 9.96 35.48
CA PRO D 79 -7.32 10.25 35.20
C PRO D 79 -6.37 9.42 36.03
N ALA D 80 -6.78 9.06 37.24
CA ALA D 80 -5.94 8.26 38.12
C ALA D 80 -5.70 6.89 37.51
N SER D 81 -6.73 6.36 36.86
CA SER D 81 -6.64 5.06 36.21
C SER D 81 -5.86 5.19 34.91
N ARG D 82 -6.05 6.31 34.22
CA ARG D 82 -5.36 6.55 32.96
C ARG D 82 -3.85 6.53 33.18
N ASP D 83 -3.39 7.20 34.23
CA ASP D 83 -1.97 7.25 34.54
C ASP D 83 -1.50 5.90 35.08
N LEU D 84 -2.35 5.26 35.87
CA LEU D 84 -2.03 3.96 36.45
C LEU D 84 -1.76 2.95 35.34
N VAL D 85 -2.62 2.94 34.33
CA VAL D 85 -2.47 2.03 33.20
C VAL D 85 -1.30 2.44 32.33
N VAL D 86 -1.07 3.75 32.24
CA VAL D 86 0.02 4.29 31.45
C VAL D 86 1.37 3.98 32.11
N SER D 87 1.38 3.97 33.44
CA SER D 87 2.59 3.70 34.19
C SER D 87 2.80 2.19 34.33
N TYR D 88 1.75 1.43 34.07
CA TYR D 88 1.82 -0.03 34.17
C TYR D 88 2.47 -0.61 32.92
N VAL D 89 2.44 0.15 31.83
CA VAL D 89 3.03 -0.29 30.57
C VAL D 89 4.48 0.15 30.47
N ASN D 90 4.94 0.90 31.46
CA ASN D 90 6.32 1.39 31.49
C ASN D 90 7.02 0.98 32.78
N THR D 91 6.45 -0.03 33.46
CA THR D 91 7.02 -0.53 34.70
C THR D 91 7.36 -2.01 34.59
N ASN D 92 6.33 -2.85 34.52
CA ASN D 92 6.52 -4.29 34.41
C ASN D 92 6.31 -4.77 32.98
N VAL D 93 5.35 -4.17 32.29
CA VAL D 93 5.05 -4.53 30.91
C VAL D 93 6.14 -4.04 29.98
N GLY D 94 6.63 -2.83 30.23
CA GLY D 94 7.68 -2.24 29.42
C GLY D 94 9.03 -2.90 29.68
N LEU D 95 9.17 -3.48 30.86
CA LEU D 95 10.41 -4.15 31.25
C LEU D 95 10.69 -5.33 30.33
N LYS D 96 9.67 -6.15 30.05
CA LYS D 96 9.89 -7.34 29.25
C LYS D 96 10.20 -7.01 27.80
N PHE D 97 10.03 -5.76 27.40
CA PHE D 97 10.58 -5.34 26.12
C PHE D 97 11.88 -4.59 26.32
N ARG D 98 12.42 -4.60 27.55
CA ARG D 98 13.79 -4.15 27.76
C ARG D 98 14.74 -5.34 27.75
N GLN D 99 14.32 -6.47 28.32
CA GLN D 99 15.09 -7.68 28.20
C GLN D 99 15.16 -8.14 26.75
N LEU D 100 14.01 -8.19 26.09
CA LEU D 100 13.97 -8.69 24.72
C LEU D 100 14.81 -7.82 23.79
N LEU D 101 14.55 -6.51 23.76
CA LEU D 101 15.33 -5.64 22.90
C LEU D 101 16.80 -5.63 23.30
N TRP D 102 17.08 -5.82 24.58
CA TRP D 102 18.46 -5.83 25.06
C TRP D 102 19.20 -7.10 24.68
N PHE D 103 18.48 -8.21 24.66
CA PHE D 103 19.07 -9.50 24.32
C PHE D 103 19.24 -9.68 22.81
N HIS D 104 18.40 -9.00 22.03
CA HIS D 104 18.45 -9.09 20.58
C HIS D 104 19.41 -8.07 19.98
N ILE D 105 19.60 -6.96 20.69
CA ILE D 105 20.48 -5.89 20.21
C ILE D 105 21.94 -6.19 20.56
N SER D 106 22.16 -7.04 21.56
CA SER D 106 23.50 -7.40 21.98
C SER D 106 23.92 -8.75 21.44
N ALA D 107 23.05 -9.36 20.64
CA ALA D 107 23.33 -10.67 20.05
C ALA D 107 23.90 -10.53 18.64
N LEU D 108 23.50 -9.47 17.95
CA LEU D 108 23.98 -9.22 16.59
C LEU D 108 24.93 -8.03 16.54
N THR D 109 25.60 -7.77 17.66
CA THR D 109 26.55 -6.66 17.74
C THR D 109 27.78 -7.05 18.56
N PHE D 110 27.69 -8.18 19.25
CA PHE D 110 28.79 -8.67 20.07
C PHE D 110 28.96 -10.17 19.91
N GLY D 111 28.07 -10.80 19.15
CA GLY D 111 28.12 -12.23 18.93
C GLY D 111 27.07 -12.97 19.72
N ARG D 112 26.24 -13.75 19.02
CA ARG D 112 25.18 -14.51 19.65
C ARG D 112 25.74 -15.41 20.76
N GLU D 113 27.05 -15.63 20.73
CA GLU D 113 27.71 -16.45 21.73
C GLU D 113 28.40 -15.62 22.79
N THR D 114 28.68 -14.36 22.52
CA THR D 114 29.33 -13.53 23.52
C THR D 114 28.34 -13.08 24.58
N VAL D 115 27.07 -12.91 24.22
CA VAL D 115 26.06 -12.61 25.22
C VAL D 115 25.93 -13.77 26.19
N LEU D 116 25.72 -14.98 25.68
CA LEU D 116 25.53 -16.14 26.53
C LEU D 116 26.77 -16.43 27.38
N GLU D 117 27.95 -16.01 26.93
CA GLU D 117 29.12 -16.05 27.80
C GLU D 117 29.22 -14.79 28.63
N TYR D 118 28.24 -13.88 28.50
CA TYR D 118 28.20 -12.71 29.38
C TYR D 118 27.25 -12.92 30.54
N LEU D 119 26.06 -13.45 30.25
CA LEU D 119 25.07 -13.71 31.30
C LEU D 119 25.66 -14.62 32.37
N VAL D 120 26.44 -15.60 31.93
CA VAL D 120 27.07 -16.54 32.85
C VAL D 120 28.24 -15.89 33.57
N SER D 121 28.90 -14.94 32.90
CA SER D 121 30.03 -14.23 33.47
C SER D 121 29.55 -13.07 34.34
N PHE D 122 28.35 -12.59 34.05
CA PHE D 122 27.77 -11.48 34.79
C PHE D 122 26.88 -11.99 35.93
N GLY D 123 26.41 -13.21 35.80
CA GLY D 123 25.55 -13.82 36.79
C GLY D 123 26.30 -14.33 38.01
N VAL D 124 27.61 -14.49 37.87
CA VAL D 124 28.44 -14.98 38.96
C VAL D 124 29.05 -13.84 39.75
N TRP D 125 28.99 -12.64 39.20
CA TRP D 125 29.53 -11.46 39.87
C TRP D 125 28.51 -10.82 40.81
N ILE D 126 27.27 -11.25 40.69
CA ILE D 126 26.20 -10.72 41.54
C ILE D 126 25.89 -11.66 42.69
N ARG D 127 26.25 -12.92 42.54
CA ARG D 127 26.01 -13.92 43.58
C ARG D 127 27.02 -13.81 44.71
N THR D 128 28.20 -13.31 44.39
CA THR D 128 29.27 -13.15 45.38
C THR D 128 29.08 -11.86 46.17
N PRO D 129 29.85 -11.70 47.26
CA PRO D 129 29.80 -10.51 48.12
C PRO D 129 30.21 -9.24 47.40
N PRO D 130 29.67 -8.09 47.84
CA PRO D 130 29.98 -6.78 47.23
C PRO D 130 31.44 -6.39 47.42
N ALA D 131 32.03 -6.80 48.53
CA ALA D 131 33.43 -6.48 48.83
C ALA D 131 34.34 -7.65 48.47
N TYR D 132 34.08 -8.27 47.33
CA TYR D 132 34.89 -9.40 46.87
C TYR D 132 35.11 -9.35 45.37
N ARG D 133 34.08 -8.93 44.64
CA ARG D 133 34.16 -8.83 43.18
C ARG D 133 34.81 -7.52 42.75
N PRO D 134 35.22 -7.44 41.48
CA PRO D 134 35.85 -6.25 40.90
C PRO D 134 34.96 -5.02 40.98
N PRO D 135 35.56 -3.83 41.14
CA PRO D 135 34.82 -2.57 41.22
C PRO D 135 33.86 -2.40 40.04
N ASN D 136 33.99 -3.26 39.04
CA ASN D 136 33.13 -3.21 37.87
C ASN D 136 32.67 -4.60 37.48
N ALA D 137 31.42 -4.70 37.04
CA ALA D 137 30.91 -5.98 36.58
C ALA D 137 31.54 -6.34 35.25
N PRO D 138 31.53 -7.63 34.89
CA PRO D 138 32.13 -8.04 33.62
C PRO D 138 31.43 -7.39 32.44
N ILE D 139 32.12 -7.38 31.30
CA ILE D 139 31.76 -6.53 30.18
C ILE D 139 31.74 -7.34 28.89
N LEU D 140 31.22 -6.72 27.83
CA LEU D 140 31.10 -7.34 26.51
C LEU D 140 32.29 -6.95 25.65
N SER D 141 32.89 -7.94 25.01
CA SER D 141 33.97 -7.71 24.06
C SER D 141 33.52 -8.15 22.67
N THR D 142 33.84 -7.33 21.69
CA THR D 142 33.44 -7.61 20.32
C THR D 142 34.11 -8.87 19.80
#